data_3BNN
#
_entry.id   3BNN
#
_cell.length_a   34.610
_cell.length_b   44.500
_cell.length_c   52.360
_cell.angle_alpha   68.770
_cell.angle_beta   71.300
_cell.angle_gamma   67.720
#
_symmetry.space_group_name_H-M   'P 1'
#
loop_
_entity.id
_entity.type
_entity.pdbx_description
1 polymer 'A site of human ribosome'
2 water water
#
_entity_poly.entity_id   1
_entity_poly.type   'polyribonucleotide'
_entity_poly.pdbx_seq_one_letter_code
;GCGUCACCCCGGACAAGUCGC
;
_entity_poly.pdbx_strand_id   A,B,C,D
#